data_6YUV
#
_entry.id   6YUV
#
_cell.length_a   138.320
_cell.length_b   138.320
_cell.length_c   70.560
_cell.angle_alpha   90.000
_cell.angle_beta   90.000
_cell.angle_gamma   90.000
#
_symmetry.space_group_name_H-M   'P 41 21 2'
#
loop_
_entity.id
_entity.type
_entity.pdbx_description
1 polymer SacC
2 non-polymer 'CHLORIDE ION'
3 non-polymer 'TRIETHYLENE GLYCOL'
4 water water
#
_entity_poly.entity_id   1
_entity_poly.type   'polypeptide(L)'
_entity_poly.pdbx_seq_one_letter_code
;MLSNLKTGNNILGLPEFELNGCRFLYKKGIEKTIITFSAFPPKDIAQKYNYIKDFLSSNYTFLAFLDTKYPEDDARGTYY
ITNELDNGYLQTIHCIIQLLSNTNQEDTYLLGSSKGGVGALLLGLTYNYPNIIINAPQAKLADYIKTRSKTILSYMLGTS
KRFQDINYDYINDFLLSKIKTCDSSLKWNIHITCGKDDSYHLNELEILKNEFNIKAITIKTKLISGGHDNEAIAHYREYF
KTIIQNILEHHHHHH
;
_entity_poly.pdbx_strand_id   A,B
#
loop_
_chem_comp.id
_chem_comp.type
_chem_comp.name
_chem_comp.formula
CL non-polymer 'CHLORIDE ION' 'Cl -1'
PGE non-polymer 'TRIETHYLENE GLYCOL' 'C6 H14 O4'
#
# COMPACT_ATOMS: atom_id res chain seq x y z
N MET A 1 10.59 -5.61 8.97
CA MET A 1 11.10 -4.94 10.16
C MET A 1 11.62 -3.57 9.76
N LEU A 2 11.24 -2.53 10.50
CA LEU A 2 11.57 -1.15 10.10
C LEU A 2 13.08 -0.97 9.99
N SER A 3 13.83 -1.54 10.93
CA SER A 3 15.28 -1.32 10.92
C SER A 3 15.92 -1.96 9.70
N ASN A 4 15.29 -2.97 9.10
CA ASN A 4 15.82 -3.59 7.91
C ASN A 4 15.47 -2.83 6.63
N LEU A 5 14.65 -1.78 6.71
CA LEU A 5 14.34 -0.94 5.56
C LEU A 5 15.34 0.22 5.39
N LYS A 6 16.34 0.31 6.25
CA LYS A 6 17.34 1.37 6.11
C LYS A 6 18.08 1.25 4.78
N THR A 7 18.22 2.37 4.07
CA THR A 7 19.03 2.43 2.86
C THR A 7 20.53 2.56 3.15
N GLY A 8 20.92 3.03 4.34
CA GLY A 8 22.31 3.35 4.65
C GLY A 8 22.59 4.84 4.71
N ASN A 9 21.81 5.64 3.98
CA ASN A 9 22.01 7.08 3.99
C ASN A 9 21.47 7.69 5.28
N ASN A 10 22.05 8.84 5.66
CA ASN A 10 21.59 9.67 6.76
C ASN A 10 21.56 11.12 6.32
N ILE A 11 20.51 11.84 6.73
CA ILE A 11 20.33 13.24 6.36
C ILE A 11 20.20 14.04 7.65
N LEU A 12 21.19 14.91 7.90
CA LEU A 12 21.26 15.73 9.12
C LEU A 12 20.97 14.89 10.36
N GLY A 13 21.53 13.68 10.40
CA GLY A 13 21.40 12.81 11.55
C GLY A 13 20.23 11.85 11.50
N LEU A 14 19.31 11.97 10.52
CA LEU A 14 18.14 11.09 10.47
C LEU A 14 18.34 9.96 9.47
N PRO A 15 18.03 8.71 9.83
CA PRO A 15 18.26 7.59 8.91
C PRO A 15 17.18 7.55 7.83
N GLU A 16 17.60 7.15 6.64
CA GLU A 16 16.70 7.03 5.50
C GLU A 16 16.21 5.60 5.39
N PHE A 17 14.91 5.45 5.14
CA PHE A 17 14.28 4.16 4.91
C PHE A 17 13.69 4.13 3.51
N GLU A 18 13.39 2.92 3.05
CA GLU A 18 12.69 2.71 1.80
C GLU A 18 11.76 1.51 1.92
N LEU A 19 10.52 1.69 1.46
CA LEU A 19 9.51 0.63 1.45
C LEU A 19 8.72 0.76 0.16
N ASN A 20 8.72 -0.30 -0.65
CA ASN A 20 7.97 -0.34 -1.91
C ASN A 20 8.32 0.84 -2.82
N GLY A 21 9.61 1.15 -2.93
CA GLY A 21 10.08 2.22 -3.78
C GLY A 21 9.92 3.61 -3.19
N CYS A 22 9.38 3.73 -1.98
CA CYS A 22 9.08 5.01 -1.33
C CYS A 22 10.14 5.27 -0.27
N ARG A 23 10.98 6.29 -0.51
CA ARG A 23 12.05 6.68 0.40
C ARG A 23 11.56 7.72 1.40
N PHE A 24 11.94 7.56 2.67
CA PHE A 24 11.45 8.47 3.70
C PHE A 24 12.41 8.54 4.89
N LEU A 25 12.42 9.70 5.55
CA LEU A 25 13.02 9.90 6.87
C LEU A 25 11.93 9.77 7.95
N TYR A 26 12.33 9.25 9.12
CA TYR A 26 11.42 9.07 10.25
C TYR A 26 12.16 9.26 11.57
N LYS A 27 11.62 10.12 12.44
CA LYS A 27 12.10 10.31 13.81
C LYS A 27 10.89 10.35 14.73
N LYS A 28 10.87 9.45 15.72
CA LYS A 28 9.75 9.39 16.64
C LYS A 28 9.82 10.57 17.60
N GLY A 29 8.69 11.24 17.77
CA GLY A 29 8.54 12.37 18.67
C GLY A 29 7.27 12.25 19.50
N ILE A 30 6.76 13.40 19.93
CA ILE A 30 5.57 13.47 20.77
C ILE A 30 4.64 14.55 20.24
N GLU A 31 3.37 14.43 20.63
CA GLU A 31 2.37 15.49 20.60
C GLU A 31 1.79 15.77 19.22
N LYS A 32 2.64 15.84 18.20
CA LYS A 32 2.19 16.12 16.84
C LYS A 32 3.01 15.32 15.85
N THR A 33 2.40 15.02 14.70
CA THR A 33 3.08 14.38 13.58
C THR A 33 3.20 15.39 12.43
N ILE A 34 4.43 15.59 11.94
CA ILE A 34 4.69 16.49 10.83
C ILE A 34 5.09 15.67 9.61
N ILE A 35 4.40 15.89 8.48
CA ILE A 35 4.67 15.20 7.22
C ILE A 35 5.11 16.20 6.16
N THR A 36 6.25 15.95 5.48
CA THR A 36 6.69 16.83 4.39
C THR A 36 6.87 16.06 3.08
N PHE A 37 6.64 16.76 1.97
CA PHE A 37 6.79 16.26 0.60
C PHE A 37 7.85 17.07 -0.15
N SER A 38 8.64 16.38 -0.98
CA SER A 38 9.71 17.00 -1.77
C SER A 38 9.17 17.65 -3.03
N ALA A 39 9.76 18.79 -3.39
CA ALA A 39 9.48 19.47 -4.66
C ALA A 39 10.56 19.12 -5.69
N PHE A 40 10.36 19.60 -6.92
CA PHE A 40 11.32 19.36 -8.00
C PHE A 40 12.65 20.03 -7.66
N PRO A 41 13.76 19.30 -7.65
CA PRO A 41 15.08 19.95 -7.63
C PRO A 41 15.46 20.41 -9.03
N PRO A 42 16.52 21.21 -9.16
CA PRO A 42 17.03 21.52 -10.51
C PRO A 42 17.56 20.26 -11.18
N LYS A 43 17.73 20.34 -12.50
CA LYS A 43 18.18 19.19 -13.26
C LYS A 43 19.54 18.74 -12.79
N ASP A 44 19.72 17.42 -12.69
CA ASP A 44 20.94 16.76 -12.25
C ASP A 44 21.21 16.95 -10.77
N ILE A 45 20.24 17.46 -9.99
CA ILE A 45 20.34 17.54 -8.54
C ILE A 45 19.44 16.48 -7.93
N ALA A 46 19.91 15.85 -6.87
CA ALA A 46 19.15 14.82 -6.19
C ALA A 46 17.90 15.39 -5.53
N GLN A 47 16.86 14.58 -5.45
CA GLN A 47 15.66 14.95 -4.70
C GLN A 47 16.00 15.15 -3.22
N LYS A 48 15.41 16.19 -2.63
CA LYS A 48 15.75 16.61 -1.28
C LYS A 48 14.55 16.52 -0.35
N TYR A 49 14.81 16.16 0.91
CA TYR A 49 13.78 16.21 1.94
C TYR A 49 13.58 17.66 2.39
N ASN A 50 12.33 18.03 2.63
CA ASN A 50 12.01 19.43 2.90
C ASN A 50 11.77 19.68 4.38
N TYR A 51 12.30 20.81 4.86
CA TYR A 51 11.96 21.41 6.16
C TYR A 51 12.42 20.58 7.34
N ILE A 52 13.54 19.86 7.19
CA ILE A 52 14.12 19.13 8.31
C ILE A 52 14.57 20.09 9.41
N LYS A 53 15.32 21.13 9.04
CA LYS A 53 15.88 22.03 10.05
C LYS A 53 14.79 22.70 10.88
N ASP A 54 13.61 22.88 10.30
CA ASP A 54 12.51 23.55 11.00
C ASP A 54 11.99 22.76 12.20
N PHE A 55 12.22 21.45 12.26
CA PHE A 55 11.58 20.62 13.28
C PHE A 55 12.57 19.75 14.06
N LEU A 56 13.87 20.08 14.01
CA LEU A 56 14.86 19.27 14.72
C LEU A 56 14.80 19.52 16.23
N SER A 57 14.58 20.77 16.63
CA SER A 57 14.44 21.08 18.05
C SER A 57 13.02 20.94 18.55
N SER A 58 12.07 20.66 17.67
CA SER A 58 10.66 20.64 18.04
C SER A 58 10.26 19.36 18.79
N ASN A 59 11.02 18.28 18.64
CA ASN A 59 10.74 16.93 19.16
C ASN A 59 9.33 16.42 18.80
N TYR A 60 8.73 16.96 17.73
CA TYR A 60 7.56 16.34 17.15
C TYR A 60 7.95 15.06 16.41
N THR A 61 6.97 14.18 16.20
CA THR A 61 7.17 13.11 15.24
C THR A 61 7.26 13.70 13.84
N PHE A 62 8.22 13.22 13.07
CA PHE A 62 8.58 13.85 11.81
C PHE A 62 8.78 12.77 10.77
N LEU A 63 8.08 12.92 9.65
CA LEU A 63 8.21 12.03 8.50
C LEU A 63 8.36 12.91 7.26
N ALA A 64 9.40 12.65 6.45
CA ALA A 64 9.66 13.39 5.22
C ALA A 64 9.77 12.41 4.06
N PHE A 65 9.10 12.72 2.95
CA PHE A 65 8.96 11.80 1.82
C PHE A 65 9.58 12.38 0.55
N LEU A 66 10.20 11.52 -0.25
CA LEU A 66 10.57 11.86 -1.61
C LEU A 66 9.53 11.31 -2.60
N ASP A 67 9.59 11.84 -3.82
CA ASP A 67 8.79 11.40 -4.96
C ASP A 67 9.36 10.08 -5.51
N THR A 68 8.76 9.57 -6.59
CA THR A 68 9.19 8.28 -7.15
C THR A 68 10.61 8.36 -7.74
N LYS A 69 11.17 7.20 -8.03
CA LYS A 69 12.56 7.06 -8.51
C LYS A 69 12.66 6.94 -10.03
N TYR A 70 11.57 7.09 -10.76
CA TYR A 70 11.60 6.94 -12.21
C TYR A 70 11.08 8.21 -12.88
N PRO A 71 11.46 8.47 -14.15
CA PRO A 71 12.34 7.76 -15.10
C PRO A 71 13.80 7.85 -14.68
N GLU A 72 14.56 6.78 -14.94
CA GLU A 72 15.93 6.72 -14.41
C GLU A 72 16.83 7.79 -14.99
N ASP A 73 16.55 8.28 -16.20
CA ASP A 73 17.44 9.26 -16.82
C ASP A 73 17.06 10.71 -16.49
N ASP A 74 16.03 10.93 -15.69
CA ASP A 74 15.77 12.22 -15.05
C ASP A 74 14.93 11.97 -13.80
N ALA A 75 15.57 11.46 -12.75
CA ALA A 75 14.85 10.79 -11.66
C ALA A 75 14.35 11.76 -10.61
N ARG A 76 13.61 12.79 -11.03
CA ARG A 76 13.13 13.82 -10.13
C ARG A 76 11.66 13.64 -9.74
N GLY A 77 11.05 12.51 -10.08
CA GLY A 77 9.73 12.19 -9.57
C GLY A 77 8.63 12.43 -10.59
N THR A 78 7.51 11.75 -10.38
CA THR A 78 6.35 11.78 -11.27
C THR A 78 5.13 12.32 -10.55
N TYR A 79 5.34 13.36 -9.72
CA TYR A 79 4.25 14.04 -9.03
C TYR A 79 3.47 13.11 -8.10
N TYR A 80 4.16 12.09 -7.56
CA TYR A 80 3.59 11.11 -6.61
C TYR A 80 2.52 10.23 -7.24
N ILE A 81 2.54 10.15 -8.56
CA ILE A 81 1.64 9.32 -9.36
C ILE A 81 2.45 8.15 -9.92
N THR A 82 1.86 6.96 -9.93
CA THR A 82 2.62 5.80 -10.39
C THR A 82 2.81 5.87 -11.91
N ASN A 83 3.74 5.06 -12.42
CA ASN A 83 3.87 4.99 -13.87
C ASN A 83 2.58 4.48 -14.52
N GLU A 84 1.68 3.87 -13.74
CA GLU A 84 0.36 3.48 -14.20
C GLU A 84 -0.67 4.60 -14.04
N LEU A 85 -0.24 5.79 -13.65
CA LEU A 85 -1.12 6.94 -13.46
C LEU A 85 -2.23 6.64 -12.45
N ASP A 86 -1.88 6.02 -11.33
CA ASP A 86 -2.87 5.64 -10.33
C ASP A 86 -2.34 5.95 -8.93
N ASN A 87 -3.03 5.47 -7.89
CA ASN A 87 -2.82 5.88 -6.49
C ASN A 87 -1.82 5.00 -5.74
N GLY A 88 -1.15 4.06 -6.41
CA GLY A 88 -0.32 3.07 -5.70
C GLY A 88 0.78 3.66 -4.82
N TYR A 89 1.35 4.81 -5.22
CA TYR A 89 2.42 5.40 -4.43
C TYR A 89 1.88 6.15 -3.22
N LEU A 90 0.79 6.90 -3.42
CA LEU A 90 0.07 7.50 -2.30
C LEU A 90 -0.42 6.45 -1.32
N GLN A 91 -0.80 5.27 -1.81
CA GLN A 91 -1.25 4.23 -0.89
C GLN A 91 -0.12 3.79 0.04
N THR A 92 1.10 3.68 -0.48
CA THR A 92 2.24 3.30 0.34
C THR A 92 2.57 4.38 1.38
N ILE A 93 2.53 5.65 0.97
CA ILE A 93 2.76 6.75 1.92
C ILE A 93 1.73 6.70 3.05
N HIS A 94 0.47 6.45 2.70
CA HIS A 94 -0.60 6.39 3.70
C HIS A 94 -0.35 5.27 4.72
N CYS A 95 0.01 4.08 4.23
CA CYS A 95 0.31 2.97 5.15
C CYS A 95 1.45 3.31 6.10
N ILE A 96 2.52 3.95 5.58
CA ILE A 96 3.66 4.29 6.42
C ILE A 96 3.23 5.24 7.54
N ILE A 97 2.47 6.27 7.18
CA ILE A 97 2.05 7.26 8.17
C ILE A 97 1.08 6.64 9.19
N GLN A 98 0.13 5.83 8.73
CA GLN A 98 -0.88 5.35 9.67
C GLN A 98 -0.28 4.42 10.71
N LEU A 99 0.75 3.66 10.35
CA LEU A 99 1.32 2.67 11.26
C LEU A 99 2.48 3.23 12.09
N LEU A 100 3.23 4.20 11.58
CA LEU A 100 4.34 4.77 12.32
C LEU A 100 3.97 5.98 13.15
N SER A 101 2.90 6.70 12.81
CA SER A 101 2.53 7.89 13.59
C SER A 101 2.03 7.51 14.98
N ASN A 102 2.28 8.38 15.95
CA ASN A 102 1.82 8.16 17.31
C ASN A 102 0.84 9.25 17.78
N THR A 103 0.15 9.89 16.83
CA THR A 103 -0.85 10.92 17.12
C THR A 103 -2.11 10.69 16.27
N ASN A 104 -3.20 11.36 16.66
CA ASN A 104 -4.44 11.38 15.89
C ASN A 104 -4.25 12.04 14.52
N GLN A 105 -5.22 11.80 13.62
CA GLN A 105 -5.26 12.48 12.33
C GLN A 105 -5.34 13.99 12.49
N GLU A 106 -6.18 14.46 13.40
CA GLU A 106 -6.38 15.90 13.57
C GLU A 106 -5.16 16.57 14.20
N ASP A 107 -4.18 15.80 14.66
CA ASP A 107 -2.91 16.34 15.16
C ASP A 107 -1.76 16.09 14.19
N THR A 108 -2.08 15.81 12.92
CA THR A 108 -1.11 15.53 11.87
C THR A 108 -1.17 16.67 10.86
N TYR A 109 0.01 17.11 10.38
CA TYR A 109 0.12 18.28 9.49
C TYR A 109 0.92 17.94 8.24
N LEU A 110 0.34 18.21 7.06
CA LEU A 110 0.97 17.94 5.77
C LEU A 110 1.52 19.23 5.18
N LEU A 111 2.82 19.22 4.84
CA LEU A 111 3.54 20.41 4.37
C LEU A 111 4.23 20.15 3.02
N GLY A 112 4.40 21.22 2.26
CA GLY A 112 5.06 21.13 0.97
C GLY A 112 4.81 22.38 0.16
N SER A 113 5.73 22.64 -0.78
CA SER A 113 5.66 23.79 -1.67
C SER A 113 5.75 23.32 -3.13
N SER A 114 4.96 23.95 -4.00
CA SER A 114 4.97 23.68 -5.45
C SER A 114 4.62 22.21 -5.65
N LYS A 115 5.47 21.40 -6.29
CA LYS A 115 5.11 19.98 -6.45
C LYS A 115 4.90 19.32 -5.10
N GLY A 116 5.67 19.73 -4.08
CA GLY A 116 5.47 19.17 -2.75
C GLY A 116 4.09 19.48 -2.20
N GLY A 117 3.58 20.69 -2.50
CA GLY A 117 2.25 21.03 -2.07
C GLY A 117 1.18 20.23 -2.79
N VAL A 118 1.41 19.91 -4.07
CA VAL A 118 0.48 19.04 -4.79
C VAL A 118 0.46 17.65 -4.16
N GLY A 119 1.64 17.11 -3.81
CA GLY A 119 1.68 15.81 -3.15
C GLY A 119 0.90 15.80 -1.84
N ALA A 120 1.03 16.87 -1.06
CA ALA A 120 0.28 17.00 0.19
C ALA A 120 -1.24 17.02 -0.06
N LEU A 121 -1.68 17.75 -1.09
CA LEU A 121 -3.11 17.74 -1.44
C LEU A 121 -3.57 16.36 -1.92
N LEU A 122 -2.77 15.69 -2.77
CA LEU A 122 -3.21 14.40 -3.32
C LEU A 122 -3.44 13.39 -2.20
N LEU A 123 -2.52 13.33 -1.23
CA LEU A 123 -2.66 12.42 -0.10
C LEU A 123 -3.82 12.83 0.78
N GLY A 124 -3.85 14.13 1.15
CA GLY A 124 -4.84 14.60 2.12
C GLY A 124 -6.27 14.45 1.62
N LEU A 125 -6.49 14.73 0.33
CA LEU A 125 -7.84 14.63 -0.21
C LEU A 125 -8.25 13.19 -0.47
N THR A 126 -7.29 12.30 -0.70
CA THR A 126 -7.61 10.89 -0.94
C THR A 126 -7.93 10.16 0.37
N TYR A 127 -7.18 10.44 1.44
CA TYR A 127 -7.29 9.65 2.67
C TYR A 127 -7.73 10.45 3.90
N ASN A 128 -8.26 11.67 3.73
CA ASN A 128 -8.91 12.42 4.81
C ASN A 128 -7.93 12.89 5.89
N TYR A 129 -6.83 13.54 5.46
CA TYR A 129 -5.94 14.25 6.39
C TYR A 129 -6.39 15.71 6.40
N PRO A 130 -7.03 16.21 7.47
CA PRO A 130 -7.68 17.54 7.37
C PRO A 130 -6.71 18.73 7.34
N ASN A 131 -5.51 18.60 7.89
CA ASN A 131 -4.58 19.73 8.05
C ASN A 131 -3.58 19.73 6.91
N ILE A 132 -3.77 20.62 5.95
CA ILE A 132 -2.91 20.75 4.78
C ILE A 132 -2.50 22.23 4.68
N ILE A 133 -1.21 22.52 4.86
CA ILE A 133 -0.67 23.89 4.88
C ILE A 133 0.49 23.92 3.89
N ILE A 134 0.28 24.54 2.72
CA ILE A 134 1.17 24.39 1.57
C ILE A 134 1.37 25.75 0.88
N ASN A 135 2.38 25.82 0.00
CA ASN A 135 2.69 27.05 -0.75
C ASN A 135 2.66 26.78 -2.25
N ALA A 136 2.01 27.69 -2.99
CA ALA A 136 1.97 27.74 -4.45
C ALA A 136 1.90 26.39 -5.17
N PRO A 137 0.86 25.59 -4.93
CA PRO A 137 0.69 24.36 -5.71
C PRO A 137 0.23 24.65 -7.14
N GLN A 138 0.49 23.70 -8.03
CA GLN A 138 -0.10 23.79 -9.37
C GLN A 138 -1.54 23.28 -9.34
N ALA A 139 -2.31 23.68 -10.37
CA ALA A 139 -3.60 23.07 -10.67
C ALA A 139 -3.55 22.17 -11.89
N LYS A 140 -2.91 22.64 -12.97
CA LYS A 140 -2.82 21.89 -14.23
C LYS A 140 -1.44 21.25 -14.27
N LEU A 141 -1.38 19.96 -13.92
CA LEU A 141 -0.11 19.33 -13.58
C LEU A 141 0.76 19.13 -14.81
N ALA A 142 0.15 18.69 -15.93
CA ALA A 142 0.97 18.41 -17.12
C ALA A 142 1.51 19.70 -17.74
N ASP A 143 0.73 20.78 -17.71
CA ASP A 143 1.21 22.09 -18.18
C ASP A 143 2.51 22.49 -17.49
N TYR A 144 2.61 22.26 -16.18
CA TYR A 144 3.79 22.66 -15.41
C TYR A 144 4.96 21.70 -15.58
N ILE A 145 4.69 20.38 -15.55
CA ILE A 145 5.76 19.42 -15.79
C ILE A 145 6.44 19.70 -17.12
N LYS A 146 5.64 20.11 -18.11
CA LYS A 146 6.17 20.44 -19.43
C LYS A 146 7.30 21.46 -19.34
N THR A 147 7.19 22.41 -18.40
CA THR A 147 8.20 23.48 -18.30
C THR A 147 9.43 23.08 -17.51
N ARG A 148 9.37 21.97 -16.78
CA ARG A 148 10.48 21.52 -15.95
C ARG A 148 11.22 20.31 -16.54
N SER A 149 10.54 19.40 -17.23
CA SER A 149 11.22 18.24 -17.81
C SER A 149 10.36 17.63 -18.90
N LYS A 150 10.81 17.78 -20.15
CA LYS A 150 10.17 17.04 -21.24
C LYS A 150 10.35 15.54 -21.05
N THR A 151 11.52 15.13 -20.52
CA THR A 151 11.79 13.72 -20.26
C THR A 151 10.74 13.12 -19.32
N ILE A 152 10.46 13.80 -18.21
CA ILE A 152 9.51 13.25 -17.25
C ILE A 152 8.09 13.23 -17.84
N LEU A 153 7.68 14.30 -18.53
CA LEU A 153 6.35 14.32 -19.12
C LEU A 153 6.17 13.18 -20.12
N SER A 154 7.15 12.99 -21.00
CA SER A 154 7.07 11.94 -22.02
C SER A 154 6.98 10.56 -21.38
N TYR A 155 7.73 10.35 -20.30
CA TYR A 155 7.62 9.08 -19.57
C TYR A 155 6.20 8.85 -19.06
N MET A 156 5.58 9.89 -18.49
CA MET A 156 4.23 9.72 -17.95
C MET A 156 3.17 9.61 -19.04
N LEU A 157 3.39 10.27 -20.19
CA LEU A 157 2.44 10.17 -21.30
C LEU A 157 2.42 8.76 -21.91
N GLY A 158 3.53 8.03 -21.86
CA GLY A 158 3.62 6.74 -22.51
C GLY A 158 4.09 6.84 -23.95
N THR A 159 4.14 5.68 -24.61
CA THR A 159 4.74 5.55 -25.93
C THR A 159 3.75 5.54 -27.09
N SER A 160 2.45 5.37 -26.81
CA SER A 160 1.47 5.25 -27.89
C SER A 160 1.11 6.63 -28.43
N LYS A 161 1.29 6.84 -29.73
CA LYS A 161 0.90 8.10 -30.35
C LYS A 161 -0.59 8.39 -30.13
N ARG A 162 -1.43 7.36 -30.24
CA ARG A 162 -2.88 7.55 -30.16
C ARG A 162 -3.35 8.00 -28.79
N PHE A 163 -2.53 7.88 -27.74
CA PHE A 163 -2.96 8.19 -26.39
C PHE A 163 -2.25 9.39 -25.78
N GLN A 164 -1.49 10.16 -26.58
CA GLN A 164 -0.79 11.33 -26.05
C GLN A 164 -1.76 12.36 -25.48
N ASP A 165 -2.72 12.79 -26.30
CA ASP A 165 -3.69 13.80 -25.86
C ASP A 165 -4.47 13.32 -24.64
N ILE A 166 -5.00 12.08 -24.73
CA ILE A 166 -5.83 11.54 -23.65
C ILE A 166 -5.06 11.54 -22.33
N ASN A 167 -3.80 11.08 -22.36
CA ASN A 167 -3.05 11.02 -21.12
C ASN A 167 -2.60 12.40 -20.64
N TYR A 168 -2.34 13.32 -21.57
CA TYR A 168 -2.05 14.70 -21.15
C TYR A 168 -3.20 15.27 -20.34
N ASP A 169 -4.43 15.08 -20.82
CA ASP A 169 -5.59 15.58 -20.08
C ASP A 169 -5.76 14.85 -18.75
N TYR A 170 -5.51 13.53 -18.73
CA TYR A 170 -5.69 12.75 -17.51
C TYR A 170 -4.74 13.22 -16.41
N ILE A 171 -3.46 13.43 -16.75
CA ILE A 171 -2.48 13.95 -15.78
C ILE A 171 -2.82 15.38 -15.37
N ASN A 172 -3.18 16.23 -16.35
CA ASN A 172 -3.43 17.64 -16.10
C ASN A 172 -4.54 17.83 -15.07
N ASP A 173 -5.53 16.92 -15.06
CA ASP A 173 -6.71 17.06 -14.22
C ASP A 173 -6.70 16.12 -13.01
N PHE A 174 -5.55 15.49 -12.72
CA PHE A 174 -5.49 14.45 -11.69
C PHE A 174 -5.80 15.00 -10.30
N LEU A 175 -5.26 16.19 -9.96
CA LEU A 175 -5.57 16.85 -8.68
C LEU A 175 -6.97 17.45 -8.66
N LEU A 176 -7.39 18.11 -9.76
CA LEU A 176 -8.77 18.61 -9.83
C LEU A 176 -9.77 17.48 -9.61
N SER A 177 -9.48 16.29 -10.14
CA SER A 177 -10.40 15.17 -9.97
C SER A 177 -10.49 14.74 -8.50
N LYS A 178 -9.37 14.81 -7.77
CA LYS A 178 -9.39 14.48 -6.35
C LYS A 178 -10.24 15.45 -5.56
N ILE A 179 -10.22 16.74 -5.93
CA ILE A 179 -11.12 17.69 -5.28
C ILE A 179 -12.56 17.35 -5.59
N LYS A 180 -12.87 17.07 -6.86
CA LYS A 180 -14.25 16.78 -7.25
C LYS A 180 -14.81 15.57 -6.50
N THR A 181 -13.94 14.62 -6.12
CA THR A 181 -14.41 13.39 -5.48
C THR A 181 -14.11 13.33 -3.98
N CYS A 182 -13.63 14.42 -3.36
CA CYS A 182 -13.29 14.31 -1.94
C CYS A 182 -14.56 14.38 -1.08
N ASP A 183 -14.38 14.18 0.23
CA ASP A 183 -15.49 14.15 1.18
C ASP A 183 -15.80 15.57 1.63
N SER A 184 -16.93 16.13 1.15
CA SER A 184 -17.30 17.49 1.54
C SER A 184 -17.59 17.65 3.03
N SER A 185 -17.86 16.56 3.77
CA SER A 185 -18.29 16.69 5.15
C SER A 185 -17.15 16.73 6.15
N LEU A 186 -15.93 16.38 5.75
CA LEU A 186 -14.79 16.47 6.66
C LEU A 186 -14.58 17.93 7.08
N LYS A 187 -14.03 18.13 8.29
CA LYS A 187 -13.72 19.48 8.78
C LYS A 187 -12.33 19.89 8.27
N TRP A 188 -12.27 20.20 6.98
CA TRP A 188 -10.99 20.50 6.33
C TRP A 188 -10.36 21.75 6.93
N ASN A 189 -9.03 21.73 7.11
CA ASN A 189 -8.24 22.86 7.59
C ASN A 189 -7.09 23.10 6.62
N ILE A 190 -7.42 23.61 5.44
CA ILE A 190 -6.47 23.75 4.32
C ILE A 190 -6.01 25.20 4.26
N HIS A 191 -4.70 25.42 4.28
CA HIS A 191 -4.08 26.74 4.14
C HIS A 191 -3.15 26.76 2.93
N ILE A 192 -3.30 27.76 2.06
CA ILE A 192 -2.45 27.86 0.87
C ILE A 192 -1.87 29.26 0.78
N THR A 193 -0.56 29.37 0.91
CA THR A 193 0.12 30.65 0.67
C THR A 193 0.62 30.71 -0.77
N CYS A 194 0.95 31.93 -1.20
CA CYS A 194 1.52 32.14 -2.53
C CYS A 194 2.19 33.51 -2.60
N GLY A 195 3.42 33.56 -3.12
CA GLY A 195 4.10 34.83 -3.25
C GLY A 195 3.32 35.77 -4.14
N LYS A 196 3.30 37.05 -3.75
CA LYS A 196 2.48 38.04 -4.44
C LYS A 196 2.96 38.35 -5.85
N ASP A 197 4.21 38.00 -6.17
CA ASP A 197 4.75 38.22 -7.49
C ASP A 197 4.83 36.92 -8.29
N ASP A 198 4.20 35.86 -7.79
CA ASP A 198 4.13 34.55 -8.46
C ASP A 198 2.84 34.50 -9.27
N SER A 199 2.83 35.31 -10.36
CA SER A 199 1.61 35.47 -11.13
C SER A 199 1.06 34.13 -11.59
N TYR A 200 1.92 33.25 -12.12
CA TYR A 200 1.44 31.96 -12.64
C TYR A 200 0.65 31.20 -11.58
N HIS A 201 1.20 31.11 -10.37
CA HIS A 201 0.59 30.27 -9.35
C HIS A 201 -0.51 30.98 -8.59
N LEU A 202 -0.56 32.31 -8.63
CA LEU A 202 -1.76 33.02 -8.23
C LEU A 202 -2.95 32.61 -9.09
N ASN A 203 -2.72 32.45 -10.39
CA ASN A 203 -3.82 32.00 -11.24
C ASN A 203 -4.14 30.52 -10.99
N GLU A 204 -3.11 29.70 -10.74
CA GLU A 204 -3.39 28.30 -10.41
C GLU A 204 -4.22 28.20 -9.12
N LEU A 205 -3.93 29.06 -8.15
CA LEU A 205 -4.69 29.02 -6.89
C LEU A 205 -6.16 29.32 -7.13
N GLU A 206 -6.47 30.25 -8.05
CA GLU A 206 -7.87 30.54 -8.33
C GLU A 206 -8.56 29.34 -8.97
N ILE A 207 -7.86 28.60 -9.83
CA ILE A 207 -8.45 27.40 -10.42
C ILE A 207 -8.76 26.38 -9.32
N LEU A 208 -7.83 26.19 -8.39
CA LEU A 208 -8.08 25.30 -7.24
C LEU A 208 -9.24 25.80 -6.39
N LYS A 209 -9.24 27.10 -6.08
CA LYS A 209 -10.28 27.67 -5.23
C LYS A 209 -11.68 27.44 -5.81
N ASN A 210 -11.81 27.53 -7.13
CA ASN A 210 -13.12 27.31 -7.75
C ASN A 210 -13.59 25.86 -7.57
N GLU A 211 -12.69 24.88 -7.63
CA GLU A 211 -13.09 23.49 -7.40
C GLU A 211 -13.49 23.28 -5.94
N PHE A 212 -12.75 23.87 -5.00
CA PHE A 212 -13.14 23.77 -3.60
C PHE A 212 -14.48 24.44 -3.36
N ASN A 213 -14.66 25.67 -3.91
CA ASN A 213 -15.89 26.44 -3.76
C ASN A 213 -17.11 25.58 -4.08
N ILE A 214 -17.13 24.92 -5.24
CA ILE A 214 -18.32 24.18 -5.64
C ILE A 214 -18.49 22.87 -4.87
N LYS A 215 -17.47 22.41 -4.15
CA LYS A 215 -17.59 21.30 -3.20
C LYS A 215 -17.95 21.77 -1.78
N ALA A 216 -18.23 23.07 -1.60
CA ALA A 216 -18.58 23.67 -0.31
C ALA A 216 -17.45 23.60 0.70
N ILE A 217 -16.21 23.66 0.22
CA ILE A 217 -15.01 23.68 1.07
C ILE A 217 -14.43 25.09 1.03
N THR A 218 -14.39 25.76 2.18
CA THR A 218 -13.69 27.04 2.30
C THR A 218 -12.29 26.77 2.82
N ILE A 219 -11.30 27.38 2.17
CA ILE A 219 -9.90 27.27 2.56
C ILE A 219 -9.41 28.67 2.93
N LYS A 220 -8.29 28.70 3.64
CA LYS A 220 -7.61 29.95 3.96
C LYS A 220 -6.45 30.17 3.00
N THR A 221 -6.25 31.41 2.56
CA THR A 221 -5.16 31.77 1.66
C THR A 221 -4.50 33.05 2.16
N LYS A 222 -3.20 33.21 1.85
CA LYS A 222 -2.46 34.41 2.24
C LYS A 222 -1.35 34.70 1.24
N LEU A 223 -1.26 35.97 0.79
CA LEU A 223 -0.18 36.40 -0.08
C LEU A 223 1.06 36.74 0.75
N ILE A 224 2.22 36.27 0.31
CA ILE A 224 3.49 36.55 0.99
C ILE A 224 4.46 37.20 0.01
N SER A 225 5.58 37.67 0.56
CA SER A 225 6.63 38.28 -0.25
C SER A 225 7.28 37.23 -1.13
N GLY A 226 7.50 37.58 -2.40
CA GLY A 226 8.31 36.78 -3.30
C GLY A 226 7.54 36.33 -4.53
N GLY A 227 8.30 35.70 -5.43
CA GLY A 227 7.78 35.00 -6.59
C GLY A 227 7.66 33.51 -6.30
N HIS A 228 7.98 32.69 -7.30
CA HIS A 228 8.06 31.23 -7.12
C HIS A 228 9.51 30.87 -6.79
N ASP A 229 9.91 31.17 -5.55
CA ASP A 229 11.34 31.25 -5.25
C ASP A 229 11.58 31.05 -3.76
N ASN A 230 12.85 31.17 -3.36
CA ASN A 230 13.25 30.95 -1.98
C ASN A 230 12.75 32.03 -1.03
N GLU A 231 12.55 33.26 -1.51
CA GLU A 231 11.93 34.28 -0.67
C GLU A 231 10.56 33.83 -0.20
N ALA A 232 9.68 33.45 -1.14
CA ALA A 232 8.36 32.94 -0.75
C ALA A 232 8.47 31.76 0.20
N ILE A 233 9.42 30.85 -0.05
CA ILE A 233 9.54 29.66 0.79
C ILE A 233 9.93 30.05 2.21
N ALA A 234 10.82 31.04 2.34
CA ALA A 234 11.19 31.54 3.66
C ALA A 234 9.98 32.01 4.44
N HIS A 235 9.09 32.75 3.78
CA HIS A 235 7.90 33.27 4.45
C HIS A 235 6.84 32.19 4.63
N TYR A 236 6.85 31.18 3.78
CA TYR A 236 5.93 30.07 4.00
C TYR A 236 6.34 29.26 5.24
N ARG A 237 7.65 29.10 5.43
CA ARG A 237 8.15 28.40 6.63
C ARG A 237 7.76 29.13 7.91
N GLU A 238 7.93 30.46 7.95
CA GLU A 238 7.43 31.23 9.08
C GLU A 238 5.93 31.03 9.29
N TYR A 239 5.18 30.90 8.19
CA TYR A 239 3.72 30.77 8.29
C TYR A 239 3.32 29.44 8.93
N PHE A 240 3.89 28.32 8.47
CA PHE A 240 3.38 27.05 9.00
C PHE A 240 3.86 26.82 10.44
N LYS A 241 5.01 27.41 10.81
CA LYS A 241 5.41 27.35 12.21
C LYS A 241 4.40 28.08 13.09
N THR A 242 3.87 29.20 12.59
CA THR A 242 2.87 29.94 13.37
C THR A 242 1.60 29.11 13.57
N ILE A 243 1.06 28.57 12.47
CA ILE A 243 -0.21 27.83 12.53
C ILE A 243 -0.06 26.62 13.44
N ILE A 244 1.04 25.88 13.29
CA ILE A 244 1.24 24.67 14.08
C ILE A 244 1.39 24.99 15.57
N GLN A 245 1.94 26.16 15.90
CA GLN A 245 2.17 26.55 17.30
C GLN A 245 1.02 27.39 17.87
N ASN A 246 -0.19 27.26 17.32
CA ASN A 246 -1.34 28.00 17.85
C ASN A 246 -2.64 27.23 17.62
N MET B 1 -2.27 6.24 13.17
CA MET B 1 -1.85 5.59 14.41
C MET B 1 -2.61 4.28 14.57
N LEU B 2 -1.88 3.22 14.94
CA LEU B 2 -2.40 1.86 14.93
C LEU B 2 -3.71 1.73 15.71
N SER B 3 -3.76 2.25 16.94
CA SER B 3 -4.96 2.11 17.75
C SER B 3 -6.18 2.79 17.13
N ASN B 4 -5.98 3.76 16.24
CA ASN B 4 -7.10 4.42 15.58
C ASN B 4 -7.63 3.67 14.37
N LEU B 5 -6.96 2.59 13.96
CA LEU B 5 -7.44 1.73 12.89
C LEU B 5 -8.37 0.62 13.38
N LYS B 6 -8.72 0.60 14.68
CA LYS B 6 -9.54 -0.48 15.19
C LYS B 6 -10.96 -0.40 14.65
N THR B 7 -11.57 -1.57 14.48
CA THR B 7 -12.93 -1.66 13.95
C THR B 7 -13.99 -1.81 15.04
N GLY B 8 -13.59 -2.19 16.25
CA GLY B 8 -14.52 -2.50 17.32
C GLY B 8 -14.76 -3.98 17.51
N ASN B 9 -14.34 -4.81 16.55
CA ASN B 9 -14.46 -6.25 16.71
C ASN B 9 -13.30 -6.77 17.54
N ASN B 10 -13.53 -7.92 18.18
CA ASN B 10 -12.53 -8.50 19.07
C ASN B 10 -12.62 -10.01 18.98
N ILE B 11 -11.53 -10.67 18.59
CA ILE B 11 -11.53 -12.12 18.32
C ILE B 11 -10.63 -12.78 19.36
N LEU B 12 -11.24 -13.55 20.26
CA LEU B 12 -10.52 -14.30 21.29
C LEU B 12 -9.59 -13.39 22.11
N GLY B 13 -10.01 -12.14 22.32
CA GLY B 13 -9.21 -11.18 23.06
C GLY B 13 -8.37 -10.23 22.21
N LEU B 14 -8.18 -10.54 20.91
CA LEU B 14 -7.36 -9.71 20.05
C LEU B 14 -8.22 -8.67 19.33
N PRO B 15 -7.89 -7.39 19.42
CA PRO B 15 -8.69 -6.38 18.73
C PRO B 15 -8.39 -6.39 17.24
N GLU B 16 -9.45 -6.23 16.44
CA GLU B 16 -9.31 -6.20 14.99
C GLU B 16 -8.95 -4.80 14.53
N PHE B 17 -8.07 -4.71 13.54
CA PHE B 17 -7.72 -3.46 12.85
C PHE B 17 -8.10 -3.53 11.38
N GLU B 18 -8.18 -2.36 10.74
CA GLU B 18 -8.40 -2.31 9.29
C GLU B 18 -7.64 -1.13 8.71
N LEU B 19 -6.89 -1.39 7.63
CA LEU B 19 -6.13 -0.35 6.91
C LEU B 19 -6.33 -0.56 5.42
N ASN B 20 -6.87 0.44 4.73
CA ASN B 20 -7.11 0.34 3.29
C ASN B 20 -7.98 -0.86 2.91
N GLY B 21 -9.04 -1.10 3.68
CA GLY B 21 -9.92 -2.21 3.39
C GLY B 21 -9.37 -3.56 3.78
N CYS B 22 -8.21 -3.61 4.42
CA CYS B 22 -7.52 -4.84 4.81
C CYS B 22 -7.65 -5.04 6.32
N ARG B 23 -8.39 -6.07 6.74
CA ARG B 23 -8.64 -6.35 8.15
C ARG B 23 -7.59 -7.32 8.70
N PHE B 24 -7.10 -7.06 9.91
CA PHE B 24 -6.05 -7.92 10.48
C PHE B 24 -6.10 -7.89 12.00
N LEU B 25 -5.55 -8.96 12.59
CA LEU B 25 -5.22 -9.06 14.00
C LEU B 25 -3.71 -8.94 14.16
N TYR B 26 -3.28 -8.39 15.30
CA TYR B 26 -1.86 -8.19 15.58
C TYR B 26 -1.56 -8.35 17.05
N LYS B 27 -0.57 -9.19 17.37
CA LYS B 27 -0.04 -9.30 18.72
C LYS B 27 1.48 -9.31 18.62
N LYS B 28 2.12 -8.37 19.32
CA LYS B 28 3.57 -8.27 19.27
C LYS B 28 4.20 -9.25 20.24
N GLY B 29 5.20 -9.99 19.76
CA GLY B 29 5.92 -10.96 20.57
C GLY B 29 7.41 -10.90 20.28
N ILE B 30 8.08 -12.06 20.25
CA ILE B 30 9.51 -12.13 20.07
C ILE B 30 9.88 -13.31 19.18
N GLU B 31 11.10 -13.26 18.66
CA GLU B 31 11.83 -14.39 18.07
C GLU B 31 11.37 -14.72 16.66
N LYS B 32 10.07 -14.96 16.47
CA LYS B 32 9.52 -15.28 15.15
C LYS B 32 8.26 -14.46 14.91
N THR B 33 7.91 -14.32 13.63
CA THR B 33 6.68 -13.66 13.20
C THR B 33 5.84 -14.69 12.45
N ILE B 34 4.59 -14.87 12.88
CA ILE B 34 3.68 -15.83 12.28
C ILE B 34 2.59 -15.05 11.56
N ILE B 35 2.38 -15.37 10.28
CA ILE B 35 1.38 -14.74 9.42
C ILE B 35 0.39 -15.81 8.97
N THR B 36 -0.92 -15.56 9.14
CA THR B 36 -1.94 -16.50 8.65
C THR B 36 -2.93 -15.79 7.73
N PHE B 37 -3.55 -16.59 6.85
CA PHE B 37 -4.45 -16.10 5.81
C PHE B 37 -5.78 -16.84 5.89
N SER B 38 -6.87 -16.11 5.67
CA SER B 38 -8.21 -16.66 5.75
C SER B 38 -8.58 -17.43 4.48
N ALA B 39 -9.39 -18.48 4.65
CA ALA B 39 -9.96 -19.26 3.56
C ALA B 39 -11.46 -18.96 3.48
N PHE B 40 -12.12 -19.54 2.47
CA PHE B 40 -13.57 -19.33 2.26
C PHE B 40 -14.39 -19.88 3.42
N PRO B 41 -15.22 -19.08 4.09
CA PRO B 41 -16.23 -19.61 5.00
C PRO B 41 -17.45 -20.09 4.22
N PRO B 42 -18.41 -20.77 4.89
CA PRO B 42 -19.67 -21.09 4.19
C PRO B 42 -20.41 -19.81 3.84
N LYS B 43 -21.32 -19.92 2.87
CA LYS B 43 -22.14 -18.78 2.48
C LYS B 43 -22.83 -18.17 3.70
N ASP B 44 -22.84 -16.84 3.76
CA ASP B 44 -23.45 -16.05 4.83
C ASP B 44 -22.80 -16.25 6.19
N ILE B 45 -21.62 -16.85 6.24
CA ILE B 45 -20.82 -16.93 7.45
C ILE B 45 -19.65 -15.97 7.29
N ALA B 46 -19.31 -15.25 8.37
CA ALA B 46 -18.25 -14.23 8.28
C ALA B 46 -16.89 -14.88 8.03
N GLN B 47 -16.00 -14.15 7.33
CA GLN B 47 -14.63 -14.62 7.16
C GLN B 47 -13.95 -14.74 8.52
N LYS B 48 -13.15 -15.79 8.70
CA LYS B 48 -12.57 -16.16 9.99
C LYS B 48 -11.05 -16.06 9.95
N TYR B 49 -10.46 -15.63 11.07
CA TYR B 49 -9.00 -15.62 11.21
C TYR B 49 -8.51 -17.01 11.57
N ASN B 50 -7.37 -17.40 11.05
CA ASN B 50 -6.92 -18.79 11.18
C ASN B 50 -5.78 -18.92 12.20
N TYR B 51 -5.86 -19.99 12.99
CA TYR B 51 -4.76 -20.51 13.83
C TYR B 51 -4.39 -19.57 14.97
N ILE B 52 -5.36 -18.80 15.47
CA ILE B 52 -5.11 -18.00 16.68
C ILE B 52 -4.74 -18.90 17.85
N LYS B 53 -5.54 -19.94 18.09
CA LYS B 53 -5.36 -20.76 19.29
C LYS B 53 -4.01 -21.45 19.28
N ASP B 54 -3.49 -21.80 18.10
CA ASP B 54 -2.20 -22.49 18.01
C ASP B 54 -1.07 -21.66 18.61
N PHE B 55 -1.20 -20.33 18.54
CA PHE B 55 -0.16 -19.40 18.96
C PHE B 55 -0.65 -18.46 20.05
N LEU B 56 -1.67 -18.87 20.81
CA LEU B 56 -2.14 -18.08 21.94
C LEU B 56 -1.13 -18.06 23.07
N SER B 57 -0.50 -19.21 23.34
CA SER B 57 0.52 -19.32 24.37
C SER B 57 1.93 -19.34 23.79
N SER B 58 2.11 -18.90 22.54
CA SER B 58 3.41 -19.08 21.90
C SER B 58 4.37 -17.93 22.20
N ASN B 59 3.84 -16.71 22.31
CA ASN B 59 4.62 -15.47 22.48
C ASN B 59 5.51 -15.15 21.28
N TYR B 60 5.24 -15.74 20.12
CA TYR B 60 5.74 -15.18 18.88
C TYR B 60 4.89 -13.99 18.48
N THR B 61 5.46 -13.11 17.64
CA THR B 61 4.67 -12.09 17.00
C THR B 61 3.70 -12.73 16.03
N PHE B 62 2.48 -12.20 15.96
CA PHE B 62 1.38 -12.85 15.25
C PHE B 62 0.59 -11.81 14.47
N LEU B 63 0.39 -12.05 13.17
CA LEU B 63 -0.51 -11.29 12.31
C LEU B 63 -1.45 -12.24 11.58
N ALA B 64 -2.75 -11.96 11.61
CA ALA B 64 -3.72 -12.76 10.87
C ALA B 64 -4.54 -11.83 9.98
N PHE B 65 -4.68 -12.20 8.71
CA PHE B 65 -5.35 -11.38 7.70
C PHE B 65 -6.62 -12.05 7.18
N LEU B 66 -7.62 -11.22 6.86
CA LEU B 66 -8.78 -11.61 6.06
C LEU B 66 -8.60 -11.20 4.60
N ASP B 67 -9.47 -11.76 3.74
CA ASP B 67 -9.56 -11.42 2.32
C ASP B 67 -10.32 -10.09 2.16
N THR B 68 -10.59 -9.68 0.91
CA THR B 68 -11.27 -8.41 0.64
C THR B 68 -12.74 -8.43 1.08
N LYS B 69 -13.34 -7.23 1.10
CA LYS B 69 -14.71 -7.04 1.60
C LYS B 69 -15.75 -6.95 0.47
N TYR B 70 -15.37 -7.21 -0.77
CA TYR B 70 -16.31 -7.12 -1.90
C TYR B 70 -16.35 -8.45 -2.66
N PRO B 71 -17.46 -8.78 -3.32
CA PRO B 71 -18.69 -8.01 -3.50
C PRO B 71 -19.54 -8.00 -2.24
N GLU B 72 -20.33 -6.95 -2.05
CA GLU B 72 -21.08 -6.77 -0.81
C GLU B 72 -22.15 -7.85 -0.61
N ASP B 73 -22.71 -8.40 -1.68
CA ASP B 73 -23.77 -9.39 -1.53
C ASP B 73 -23.24 -10.82 -1.39
N ASP B 74 -21.93 -11.02 -1.33
CA ASP B 74 -21.36 -12.29 -0.92
C ASP B 74 -19.91 -12.05 -0.55
N ALA B 75 -19.70 -11.41 0.60
CA ALA B 75 -18.40 -10.79 0.88
C ALA B 75 -17.40 -11.77 1.49
N ARG B 76 -17.14 -12.85 0.76
CA ARG B 76 -16.23 -13.88 1.24
C ARG B 76 -14.83 -13.77 0.66
N GLY B 77 -14.54 -12.74 -0.13
CA GLY B 77 -13.20 -12.43 -0.56
C GLY B 77 -12.96 -12.76 -2.04
N THR B 78 -11.97 -12.08 -2.62
CA THR B 78 -11.67 -12.25 -4.04
C THR B 78 -10.27 -12.79 -4.27
N TYR B 79 -9.85 -13.75 -3.42
CA TYR B 79 -8.55 -14.43 -3.52
C TYR B 79 -7.36 -13.48 -3.38
N TYR B 80 -7.53 -12.43 -2.58
CA TYR B 80 -6.49 -11.44 -2.29
C TYR B 80 -6.09 -10.62 -3.51
N ILE B 81 -6.98 -10.60 -4.51
CA ILE B 81 -6.80 -9.85 -5.75
C ILE B 81 -7.77 -8.67 -5.71
N THR B 82 -7.32 -7.51 -6.18
CA THR B 82 -8.22 -6.35 -6.11
C THR B 82 -9.33 -6.47 -7.15
N ASN B 83 -10.37 -5.64 -6.98
CA ASN B 83 -11.34 -5.57 -8.06
C ASN B 83 -10.79 -4.88 -9.30
N GLU B 84 -9.58 -4.34 -9.24
CA GLU B 84 -8.86 -3.98 -10.46
C GLU B 84 -8.01 -5.13 -10.99
N LEU B 85 -8.09 -6.30 -10.34
CA LEU B 85 -7.35 -7.50 -10.74
C LEU B 85 -5.84 -7.23 -10.71
N ASP B 86 -5.36 -6.61 -9.63
CA ASP B 86 -3.94 -6.27 -9.52
C ASP B 86 -3.49 -6.52 -8.08
N ASN B 87 -2.29 -6.02 -7.75
CA ASN B 87 -1.58 -6.36 -6.51
C ASN B 87 -1.86 -5.40 -5.36
N GLY B 88 -2.84 -4.50 -5.50
CA GLY B 88 -3.03 -3.46 -4.50
C GLY B 88 -3.27 -4.00 -3.09
N TYR B 89 -3.98 -5.12 -2.97
CA TYR B 89 -4.28 -5.66 -1.65
C TYR B 89 -3.06 -6.33 -1.02
N LEU B 90 -2.34 -7.13 -1.80
CA LEU B 90 -1.08 -7.71 -1.32
C LEU B 90 -0.08 -6.63 -0.94
N GLN B 91 -0.07 -5.51 -1.66
CA GLN B 91 0.82 -4.40 -1.31
C GLN B 91 0.51 -3.85 0.08
N THR B 92 -0.79 -3.70 0.41
CA THR B 92 -1.18 -3.26 1.75
C THR B 92 -0.72 -4.26 2.82
N ILE B 93 -0.95 -5.57 2.59
CA ILE B 93 -0.54 -6.60 3.54
C ILE B 93 0.97 -6.55 3.79
N HIS B 94 1.76 -6.41 2.71
CA HIS B 94 3.21 -6.33 2.82
C HIS B 94 3.64 -5.15 3.67
N CYS B 95 3.00 -3.99 3.48
CA CYS B 95 3.35 -2.81 4.27
C CYS B 95 3.08 -3.03 5.75
N ILE B 96 1.93 -3.64 6.07
CA ILE B 96 1.58 -3.89 7.47
C ILE B 96 2.62 -4.78 8.14
N ILE B 97 2.98 -5.89 7.48
CA ILE B 97 3.99 -6.80 8.02
C ILE B 97 5.32 -6.08 8.19
N GLN B 98 5.77 -5.36 7.15
CA GLN B 98 7.10 -4.78 7.19
C GLN B 98 7.23 -3.73 8.30
N LEU B 99 6.14 -3.05 8.64
CA LEU B 99 6.22 -1.98 9.62
C LEU B 99 5.84 -2.43 11.04
N LEU B 100 5.02 -3.48 11.18
CA LEU B 100 4.63 -3.97 12.50
C LEU B 100 5.48 -5.13 13.00
N SER B 101 6.07 -5.93 12.11
CA SER B 101 6.86 -7.08 12.54
C SER B 101 8.22 -6.65 13.07
N ASN B 102 8.73 -7.41 14.05
CA ASN B 102 10.02 -7.11 14.67
C ASN B 102 11.05 -8.22 14.44
N THR B 103 10.85 -9.07 13.44
CA THR B 103 11.86 -10.03 13.00
C THR B 103 12.14 -9.78 11.52
N ASN B 104 13.15 -10.46 10.98
CA ASN B 104 13.45 -10.31 9.56
C ASN B 104 12.75 -11.40 8.75
N GLN B 105 12.95 -11.36 7.43
CA GLN B 105 12.22 -12.25 6.52
C GLN B 105 12.43 -13.72 6.87
N GLU B 106 13.68 -14.09 7.20
CA GLU B 106 14.03 -15.49 7.41
C GLU B 106 13.38 -16.05 8.67
N ASP B 107 12.89 -15.20 9.56
CA ASP B 107 12.22 -15.62 10.79
C ASP B 107 10.72 -15.34 10.74
N THR B 108 10.15 -15.24 9.54
CA THR B 108 8.72 -15.03 9.33
C THR B 108 8.15 -16.24 8.59
N TYR B 109 6.95 -16.67 8.97
CA TYR B 109 6.37 -17.91 8.46
C TYR B 109 4.94 -17.65 8.01
N LEU B 110 4.63 -18.02 6.76
CA LEU B 110 3.32 -17.78 6.16
C LEU B 110 2.51 -19.07 6.12
N LEU B 111 1.29 -19.03 6.66
CA LEU B 111 0.46 -20.21 6.86
C LEU B 111 -0.94 -20.01 6.26
N GLY B 112 -1.58 -21.11 5.88
CA GLY B 112 -2.91 -21.07 5.32
C GLY B 112 -3.29 -22.36 4.60
N SER B 113 -4.59 -22.63 4.51
CA SER B 113 -5.11 -23.81 3.82
C SER B 113 -6.08 -23.37 2.73
N SER B 114 -6.04 -24.05 1.58
CA SER B 114 -7.00 -23.85 0.49
C SER B 114 -6.83 -22.43 -0.04
N LYS B 115 -7.88 -21.59 -0.03
CA LYS B 115 -7.67 -20.20 -0.48
C LYS B 115 -6.64 -19.49 0.39
N GLY B 116 -6.57 -19.82 1.68
CA GLY B 116 -5.56 -19.22 2.55
C GLY B 116 -4.16 -19.58 2.12
N GLY B 117 -3.96 -20.80 1.64
CA GLY B 117 -2.65 -21.21 1.16
C GLY B 117 -2.27 -20.50 -0.14
N VAL B 118 -3.25 -20.23 -1.01
CA VAL B 118 -2.97 -19.43 -2.21
C VAL B 118 -2.55 -18.02 -1.81
N GLY B 119 -3.23 -17.44 -0.82
CA GLY B 119 -2.87 -16.09 -0.39
C GLY B 119 -1.44 -16.01 0.13
N ALA B 120 -1.02 -17.05 0.87
CA ALA B 120 0.36 -17.11 1.35
C ALA B 120 1.35 -17.17 0.20
N LEU B 121 1.08 -18.03 -0.80
CA LEU B 121 1.94 -18.08 -1.98
C LEU B 121 1.95 -16.76 -2.73
N LEU B 122 0.78 -16.14 -2.92
CA LEU B 122 0.74 -14.88 -3.65
C LEU B 122 1.62 -13.82 -2.99
N LEU B 123 1.49 -13.65 -1.67
CA LEU B 123 2.28 -12.65 -0.97
C LEU B 123 3.76 -13.00 -0.96
N GLY B 124 4.08 -14.26 -0.67
CA GLY B 124 5.46 -14.64 -0.48
C GLY B 124 6.25 -14.66 -1.77
N LEU B 125 5.60 -15.01 -2.88
CA LEU B 125 6.29 -15.01 -4.16
C LEU B 125 6.46 -13.60 -4.72
N THR B 126 5.54 -12.67 -4.39
CA THR B 126 5.69 -11.29 -4.86
C THR B 126 6.77 -10.54 -4.08
N TYR B 127 6.89 -10.82 -2.77
CA TYR B 127 7.74 -9.98 -1.91
C TYR B 127 8.85 -10.76 -1.21
N ASN B 128 9.14 -11.98 -1.65
CA ASN B 128 10.32 -12.75 -1.21
C ASN B 128 10.28 -13.06 0.29
N TYR B 129 9.15 -13.62 0.74
CA TYR B 129 9.08 -14.25 2.05
C TYR B 129 9.40 -15.72 1.86
N PRO B 130 10.57 -16.21 2.29
CA PRO B 130 10.98 -17.57 1.89
C PRO B 130 10.20 -18.70 2.56
N ASN B 131 9.66 -18.51 3.76
CA ASN B 131 9.07 -19.60 4.54
C ASN B 131 7.57 -19.64 4.33
N ILE B 132 7.10 -20.58 3.52
CA ILE B 132 5.69 -20.71 3.15
C ILE B 132 5.27 -22.16 3.39
N ILE B 133 4.44 -22.39 4.40
CA ILE B 133 4.02 -23.73 4.85
C ILE B 133 2.50 -23.77 4.83
N ILE B 134 1.93 -24.46 3.84
CA ILE B 134 0.50 -24.35 3.51
C ILE B 134 -0.06 -25.74 3.23
N ASN B 135 -1.39 -25.81 3.17
CA ASN B 135 -2.10 -27.04 2.85
C ASN B 135 -3.04 -26.84 1.66
N ALA B 136 -2.97 -27.78 0.72
CA ALA B 136 -3.92 -27.98 -0.38
C ALA B 136 -4.36 -26.69 -1.09
N PRO B 137 -3.42 -25.90 -1.65
CA PRO B 137 -3.83 -24.74 -2.45
C PRO B 137 -4.33 -25.16 -3.83
N GLN B 138 -5.10 -24.27 -4.46
CA GLN B 138 -5.49 -24.46 -5.84
C GLN B 138 -4.40 -23.96 -6.79
N ALA B 139 -4.47 -24.45 -8.03
CA ALA B 139 -3.67 -23.92 -9.13
C ALA B 139 -4.50 -23.03 -10.05
N LYS B 140 -5.69 -23.49 -10.45
CA LYS B 140 -6.55 -22.76 -11.40
C LYS B 140 -7.65 -22.06 -10.59
N LEU B 141 -7.41 -20.79 -10.30
CA LEU B 141 -8.16 -20.09 -9.25
C LEU B 141 -9.60 -19.82 -9.67
N ALA B 142 -9.83 -19.46 -10.94
CA ALA B 142 -11.18 -19.17 -11.40
C ALA B 142 -12.05 -20.42 -11.42
N ASP B 143 -11.48 -21.56 -11.85
CA ASP B 143 -12.23 -22.82 -11.84
C ASP B 143 -12.80 -23.12 -10.46
N TYR B 144 -12.01 -22.86 -9.41
CA TYR B 144 -12.42 -23.18 -8.05
C TYR B 144 -13.42 -22.16 -7.50
N ILE B 145 -13.19 -20.87 -7.75
CA ILE B 145 -14.17 -19.85 -7.35
C ILE B 145 -15.54 -20.16 -7.93
N LYS B 146 -15.58 -20.63 -9.18
CA LYS B 146 -16.84 -21.02 -9.81
C LYS B 146 -17.58 -22.08 -8.99
N THR B 147 -16.85 -23.00 -8.35
CA THR B 147 -17.52 -24.03 -7.56
C THR B 147 -17.97 -23.52 -6.19
N ARG B 148 -17.44 -22.39 -5.73
CA ARG B 148 -17.76 -21.91 -4.39
C ARG B 148 -18.78 -20.78 -4.37
N SER B 149 -18.80 -19.91 -5.39
CA SER B 149 -19.77 -18.79 -5.40
C SER B 149 -19.86 -18.21 -6.81
N LYS B 150 -21.02 -18.40 -7.45
CA LYS B 150 -21.25 -17.75 -8.74
C LYS B 150 -21.27 -16.23 -8.58
N THR B 151 -21.69 -15.72 -7.43
CA THR B 151 -21.76 -14.27 -7.21
C THR B 151 -20.37 -13.65 -7.22
N ILE B 152 -19.39 -14.27 -6.57
CA ILE B 152 -18.05 -13.71 -6.55
C ILE B 152 -17.40 -13.80 -7.92
N LEU B 153 -17.57 -14.94 -8.61
CA LEU B 153 -16.98 -15.09 -9.94
C LEU B 153 -17.52 -14.03 -10.89
N SER B 154 -18.84 -13.84 -10.91
CA SER B 154 -19.41 -12.86 -11.84
C SER B 154 -19.00 -11.44 -11.47
N TYR B 155 -18.81 -11.15 -10.18
CA TYR B 155 -18.30 -9.84 -9.79
C TYR B 155 -16.88 -9.61 -10.32
N MET B 156 -16.02 -10.64 -10.23
CA MET B 156 -14.63 -10.50 -10.64
C MET B 156 -14.48 -10.46 -12.16
N LEU B 157 -15.37 -11.08 -12.92
CA LEU B 157 -15.25 -11.04 -14.36
C LEU B 157 -15.70 -9.71 -14.94
N GLY B 158 -16.45 -8.91 -14.19
CA GLY B 158 -16.87 -7.60 -14.64
C GLY B 158 -18.09 -7.63 -15.53
N THR B 159 -18.66 -6.44 -15.76
CA THR B 159 -19.95 -6.34 -16.44
C THR B 159 -19.83 -6.34 -17.96
N SER B 160 -18.65 -6.08 -18.51
CA SER B 160 -18.49 -6.06 -19.96
C SER B 160 -18.43 -7.48 -20.51
N LYS B 161 -19.41 -7.85 -21.35
CA LYS B 161 -19.48 -9.23 -21.85
C LYS B 161 -18.24 -9.60 -22.64
N ARG B 162 -17.61 -8.63 -23.28
CA ARG B 162 -16.48 -8.89 -24.16
C ARG B 162 -15.21 -9.27 -23.38
N PHE B 163 -15.07 -8.82 -22.14
CA PHE B 163 -13.87 -9.09 -21.36
C PHE B 163 -14.05 -10.17 -20.30
N GLN B 164 -15.22 -10.82 -20.26
CA GLN B 164 -15.47 -11.83 -19.23
C GLN B 164 -14.55 -13.03 -19.40
N ASP B 165 -14.49 -13.60 -20.60
CA ASP B 165 -13.57 -14.70 -20.87
C ASP B 165 -12.11 -14.30 -20.64
N ILE B 166 -11.75 -13.09 -21.07
CA ILE B 166 -10.37 -12.62 -20.88
C ILE B 166 -10.04 -12.56 -19.40
N ASN B 167 -10.95 -11.99 -18.60
CA ASN B 167 -10.68 -11.87 -17.17
C ASN B 167 -10.69 -13.22 -16.48
N TYR B 168 -11.53 -14.15 -16.95
CA TYR B 168 -11.55 -15.49 -16.36
C TYR B 168 -10.19 -16.15 -16.49
N ASP B 169 -9.61 -16.10 -17.69
CA ASP B 169 -8.31 -16.73 -17.89
C ASP B 169 -7.21 -16.03 -17.08
N TYR B 170 -7.27 -14.69 -16.98
CA TYR B 170 -6.26 -13.97 -16.21
C TYR B 170 -6.30 -14.36 -14.73
N ILE B 171 -7.50 -14.43 -14.16
CA ILE B 171 -7.66 -14.86 -12.77
C ILE B 171 -7.17 -16.31 -12.60
N ASN B 172 -7.61 -17.20 -13.51
CA ASN B 172 -7.23 -18.60 -13.44
C ASN B 172 -5.72 -18.78 -13.31
N ASP B 173 -4.94 -17.91 -13.99
CA ASP B 173 -3.50 -18.05 -14.09
C ASP B 173 -2.73 -17.11 -13.17
N PHE B 174 -3.41 -16.41 -12.25
CA PHE B 174 -2.75 -15.37 -11.47
C PHE B 174 -1.65 -15.94 -10.59
N LEU B 175 -1.87 -17.12 -10.01
CA LEU B 175 -0.84 -17.74 -9.16
C LEU B 175 0.28 -18.32 -10.01
N LEU B 176 -0.05 -19.04 -11.08
CA LEU B 176 0.97 -19.58 -11.98
C LEU B 176 1.90 -18.48 -12.52
N SER B 177 1.37 -17.27 -12.74
CA SER B 177 2.22 -16.19 -13.24
C SER B 177 3.24 -15.76 -12.19
N LYS B 178 2.83 -15.72 -10.90
CA LYS B 178 3.73 -15.35 -9.82
C LYS B 178 4.91 -16.31 -9.73
N ILE B 179 4.67 -17.61 -9.96
CA ILE B 179 5.75 -18.59 -10.00
C ILE B 179 6.64 -18.32 -11.22
N LYS B 180 6.03 -18.09 -12.38
CA LYS B 180 6.80 -17.80 -13.58
C LYS B 180 7.70 -16.58 -13.42
N THR B 181 7.31 -15.61 -12.59
CA THR B 181 8.05 -14.36 -12.49
C THR B 181 8.77 -14.18 -11.16
N CYS B 182 8.80 -15.20 -10.30
CA CYS B 182 9.44 -15.06 -8.99
C CYS B 182 10.95 -15.16 -9.13
N ASP B 183 11.64 -14.87 -8.02
CA ASP B 183 13.11 -14.79 -7.96
C ASP B 183 13.66 -16.20 -7.70
N SER B 184 14.27 -16.80 -8.72
CA SER B 184 14.83 -18.16 -8.59
C SER B 184 16.08 -18.20 -7.73
N SER B 185 16.71 -17.05 -7.45
CA SER B 185 17.94 -17.04 -6.67
C SER B 185 17.72 -17.10 -5.17
N LEU B 186 16.47 -16.92 -4.70
CA LEU B 186 16.18 -16.94 -3.28
C LEU B 186 16.21 -18.36 -2.74
N LYS B 187 16.61 -18.49 -1.48
CA LYS B 187 16.61 -19.76 -0.77
C LYS B 187 15.21 -20.06 -0.25
N TRP B 188 14.30 -20.31 -1.19
CA TRP B 188 12.90 -20.61 -0.88
C TRP B 188 12.81 -21.79 0.08
N ASN B 189 11.88 -21.71 1.05
CA ASN B 189 11.60 -22.78 2.00
C ASN B 189 10.09 -23.05 1.97
N ILE B 190 9.63 -23.72 0.91
CA ILE B 190 8.21 -23.90 0.63
C ILE B 190 7.82 -25.33 0.97
N HIS B 191 6.78 -25.49 1.81
CA HIS B 191 6.22 -26.77 2.19
C HIS B 191 4.73 -26.79 1.83
N ILE B 192 4.28 -27.86 1.17
CA ILE B 192 2.87 -28.00 0.79
C ILE B 192 2.38 -29.40 1.15
N THR B 193 1.51 -29.49 2.17
CA THR B 193 0.81 -30.72 2.50
C THR B 193 -0.49 -30.81 1.71
N CYS B 194 -1.09 -32.00 1.70
CA CYS B 194 -2.36 -32.23 1.03
C CYS B 194 -2.92 -33.57 1.48
N GLY B 195 -4.24 -33.63 1.69
CA GLY B 195 -4.85 -34.88 2.09
C GLY B 195 -4.71 -35.95 1.02
N LYS B 196 -4.40 -37.17 1.45
CA LYS B 196 -4.22 -38.26 0.51
C LYS B 196 -5.51 -38.61 -0.23
N ASP B 197 -6.67 -38.28 0.35
CA ASP B 197 -7.97 -38.49 -0.28
C ASP B 197 -8.46 -37.27 -1.03
N ASP B 198 -7.67 -36.20 -1.11
CA ASP B 198 -8.09 -34.93 -1.73
C ASP B 198 -7.69 -34.95 -3.21
N SER B 199 -8.42 -35.77 -3.97
CA SER B 199 -8.03 -36.06 -5.36
C SER B 199 -8.00 -34.82 -6.22
N TYR B 200 -8.87 -33.84 -5.97
CA TYR B 200 -8.86 -32.62 -6.76
C TYR B 200 -7.58 -31.83 -6.54
N HIS B 201 -7.20 -31.63 -5.28
CA HIS B 201 -6.06 -30.79 -4.98
C HIS B 201 -4.73 -31.52 -5.10
N LEU B 202 -4.73 -32.84 -5.05
CA LEU B 202 -3.53 -33.58 -5.45
C LEU B 202 -3.15 -33.27 -6.89
N ASN B 203 -4.14 -33.20 -7.79
CA ASN B 203 -3.85 -32.81 -9.16
C ASN B 203 -3.39 -31.34 -9.24
N GLU B 204 -4.00 -30.46 -8.44
CA GLU B 204 -3.58 -29.05 -8.43
C GLU B 204 -2.12 -28.92 -8.01
N LEU B 205 -1.69 -29.74 -7.05
CA LEU B 205 -0.31 -29.70 -6.60
C LEU B 205 0.65 -30.14 -7.71
N GLU B 206 0.25 -31.11 -8.52
CA GLU B 206 1.08 -31.51 -9.65
C GLU B 206 1.27 -30.34 -10.63
N ILE B 207 0.23 -29.51 -10.79
CA ILE B 207 0.35 -28.35 -11.67
C ILE B 207 1.35 -27.34 -11.08
N LEU B 208 1.26 -27.08 -9.77
CA LEU B 208 2.20 -26.17 -9.12
C LEU B 208 3.62 -26.74 -9.13
N LYS B 209 3.76 -28.03 -8.83
CA LYS B 209 5.07 -28.69 -8.87
C LYS B 209 5.74 -28.50 -10.23
N ASN B 210 4.99 -28.68 -11.31
CA ASN B 210 5.57 -28.51 -12.64
C ASN B 210 6.05 -27.08 -12.86
N GLU B 211 5.29 -26.09 -12.39
CA GLU B 211 5.68 -24.70 -12.60
C GLU B 211 6.93 -24.35 -11.80
N PHE B 212 7.05 -24.86 -10.57
CA PHE B 212 8.29 -24.68 -9.83
C PHE B 212 9.44 -25.44 -10.48
N ASN B 213 9.16 -26.64 -11.02
CA ASN B 213 10.22 -27.45 -11.62
C ASN B 213 10.89 -26.74 -12.78
N ILE B 214 10.11 -26.12 -13.67
CA ILE B 214 10.70 -25.43 -14.80
C ILE B 214 11.35 -24.12 -14.39
N LYS B 215 11.12 -23.67 -13.15
CA LYS B 215 11.83 -22.53 -12.59
C LYS B 215 13.05 -22.93 -11.77
N ALA B 216 13.38 -24.22 -11.71
CA ALA B 216 14.52 -24.73 -10.94
C ALA B 216 14.43 -24.36 -9.47
N ILE B 217 13.22 -24.46 -8.91
CA ILE B 217 12.96 -24.23 -7.49
C ILE B 217 12.45 -25.53 -6.88
N THR B 218 13.10 -25.97 -5.80
CA THR B 218 12.75 -27.19 -5.11
C THR B 218 11.83 -26.89 -3.94
N ILE B 219 10.71 -27.61 -3.85
CA ILE B 219 9.78 -27.48 -2.74
C ILE B 219 9.67 -28.84 -2.03
N LYS B 220 9.06 -28.80 -0.84
CA LYS B 220 8.77 -30.00 -0.07
C LYS B 220 7.26 -30.25 -0.06
N THR B 221 6.86 -31.50 -0.26
CA THR B 221 5.46 -31.93 -0.17
C THR B 221 5.35 -33.07 0.83
N LYS B 222 4.14 -33.24 1.39
CA LYS B 222 3.87 -34.33 2.33
C LYS B 222 2.40 -34.73 2.24
N LEU B 223 2.14 -36.01 2.02
CA LEU B 223 0.79 -36.54 2.07
C LEU B 223 0.35 -36.70 3.53
N ILE B 224 -0.85 -36.21 3.84
CA ILE B 224 -1.43 -36.35 5.18
C ILE B 224 -2.78 -37.05 5.03
N SER B 225 -3.34 -37.43 6.18
CA SER B 225 -4.63 -38.12 6.21
C SER B 225 -5.77 -37.15 5.96
N GLY B 226 -6.80 -37.63 5.28
CA GLY B 226 -8.02 -36.87 5.07
C GLY B 226 -8.20 -36.46 3.62
N GLY B 227 -9.34 -35.80 3.38
CA GLY B 227 -9.63 -35.13 2.12
C GLY B 227 -9.43 -33.63 2.23
N HIS B 228 -10.33 -32.87 1.62
CA HIS B 228 -10.27 -31.40 1.71
C HIS B 228 -11.15 -30.93 2.86
N ASP B 229 -10.71 -31.25 4.08
CA ASP B 229 -11.64 -31.27 5.21
C ASP B 229 -10.88 -31.02 6.51
N ASN B 230 -11.61 -31.07 7.62
CA ASN B 230 -11.03 -30.78 8.93
C ASN B 230 -10.03 -31.83 9.39
N GLU B 231 -10.13 -33.06 8.87
CA GLU B 231 -9.12 -34.06 9.24
C GLU B 231 -7.76 -33.66 8.69
N ALA B 232 -7.73 -33.23 7.42
CA ALA B 232 -6.48 -32.75 6.83
C ALA B 232 -5.95 -31.54 7.57
N ILE B 233 -6.81 -30.58 7.91
CA ILE B 233 -6.38 -29.36 8.58
C ILE B 233 -5.76 -29.69 9.93
N ALA B 234 -6.32 -30.68 10.64
CA ALA B 234 -5.80 -31.08 11.94
C ALA B 234 -4.37 -31.59 11.83
N HIS B 235 -4.08 -32.38 10.79
CA HIS B 235 -2.72 -32.88 10.57
C HIS B 235 -1.81 -31.78 10.03
N TYR B 236 -2.34 -30.90 9.16
CA TYR B 236 -1.56 -29.77 8.68
C TYR B 236 -1.12 -28.88 9.83
N ARG B 237 -2.03 -28.60 10.77
CA ARG B 237 -1.66 -27.86 11.97
C ARG B 237 -0.55 -28.57 12.73
N GLU B 238 -0.71 -29.87 12.97
CA GLU B 238 0.35 -30.63 13.61
C GLU B 238 1.67 -30.49 12.85
N TYR B 239 1.60 -30.52 11.51
CA TYR B 239 2.82 -30.44 10.71
C TYR B 239 3.52 -29.09 10.85
N PHE B 240 2.78 -27.97 10.82
CA PHE B 240 3.49 -26.70 10.80
C PHE B 240 4.06 -26.34 12.17
N LYS B 241 3.46 -26.83 13.27
CA LYS B 241 4.07 -26.55 14.57
C LYS B 241 5.38 -27.29 14.74
N THR B 242 5.48 -28.53 14.22
CA THR B 242 6.74 -29.26 14.36
C THR B 242 7.82 -28.64 13.49
N ILE B 243 7.48 -28.18 12.28
CA ILE B 243 8.46 -27.50 11.44
C ILE B 243 8.92 -26.20 12.10
N ILE B 244 7.97 -25.44 12.65
CA ILE B 244 8.30 -24.14 13.25
C ILE B 244 9.06 -24.30 14.56
N GLN B 245 8.69 -25.29 15.38
CA GLN B 245 9.36 -25.44 16.67
C GLN B 245 10.77 -26.00 16.55
N ASN B 246 11.11 -26.63 15.44
CA ASN B 246 12.47 -27.12 15.22
C ASN B 246 13.31 -26.10 14.44
CL CL C . 8.36 22.02 -7.93
C1 PGE D . -12.42 -6.49 -13.51
O1 PGE D . -11.60 -5.46 -14.08
C2 PGE D . -13.81 -5.94 -13.28
O2 PGE D . -14.29 -6.28 -11.99
C3 PGE D . -15.23 -5.32 -11.51
C4 PGE D . -14.71 -4.80 -10.19
O4 PGE D . -12.56 -3.25 -11.76
C6 PGE D . -13.12 -2.28 -10.87
C5 PGE D . -14.61 -2.46 -10.86
O3 PGE D . -15.03 -3.44 -9.93
CL CL E . -11.18 -22.14 0.56
#